data_4ZFU
#
_entry.id   4ZFU
#
_cell.length_a   144.380
_cell.length_b   136.330
_cell.length_c   44.870
_cell.angle_alpha   90.00
_cell.angle_beta   90.00
_cell.angle_gamma   90.00
#
_symmetry.space_group_name_H-M   'P 21 21 2'
#
loop_
_entity.id
_entity.type
_entity.pdbx_description
1 polymer 'rRNA N-glycosidase'
2 polymer 'rRNA N-glycosidase'
3 branched 2-acetamido-2-deoxy-beta-D-glucopyranose-(1-4)-2-acetamido-2-deoxy-beta-D-glucopyranose
4 branched beta-D-xylopyranose-(1-2)-beta-D-mannopyranose-(1-4)-2-acetamido-2-deoxy-beta-D-glucopyranose-(1-4)-[alpha-L-fucopyranose-(1-3)]2-acetamido-2-deoxy-beta-D-glucopyranose
5 non-polymer GLYCEROL
6 non-polymer 2-acetamido-2-deoxy-beta-D-glucopyranose
7 non-polymer 'TRIETHYLENE GLYCOL'
8 non-polymer 2-acetamido-2-deoxy-alpha-D-galactopyranose
9 water water
#
loop_
_entity_poly.entity_id
_entity_poly.type
_entity_poly.pdbx_seq_one_letter_code
_entity_poly.pdbx_strand_id
1 'polypeptide(L)'
;NLSLSQSNFSADTYKSFIKNLRKQLTIGASYGSAGIPILKHSVPICERFLLVDLTNGDNETITLAINVEDAGFAAYRAAD
RSYFFQNAPPIASYVIFTDTNQNIMNFNNTFESIEIVGGTTRSETPLGIMHFEASIFHLFVHDENYVPTSFLVLIQMVLE
AAKFKFIEQKVIHSIMDMEDFTPGLAMLSLEENWTQLSLQLQASESLNGVFGDSVSLYNSMDEPIGVDSMYYPILTANMA
FQLYQCP
;
A
2 'polypeptide(L)'
;NEQCSPQQRTTRISGRDGLCVDVYGALTADGSRVILYPCGQQQNQQWTFYPDNTIRSLGKCLATSALSSGSNVVITNCDY
LRYDDGWMVSSSGTMMNKSSHLVLTANAATSRTNLTGENNVFAAKQAWRIGNYVEPIVTTIIGLRHMCLEATDNDTNVWL
ESCVKNKTKQYWALYSDDTIRVNNNRNLCVSSSTDSSSKLIVIRRCDGSINQRWVFTPQGTISNPGYEAVMDVAQNDVYL
KKIVLSSATDKGNGQQWTVFY
;
B
#
# COMPACT_ATOMS: atom_id res chain seq x y z
N ASN A 1 -19.43 19.66 -10.00
CA ASN A 1 -18.98 18.67 -8.99
C ASN A 1 -18.52 17.44 -9.71
N LEU A 2 -17.48 16.82 -9.18
CA LEU A 2 -17.09 15.48 -9.61
C LEU A 2 -18.31 14.55 -9.52
N SER A 3 -18.45 13.63 -10.47
CA SER A 3 -19.69 12.87 -10.72
C SER A 3 -19.50 11.46 -11.17
N LEU A 4 -20.44 10.61 -10.74
CA LEU A 4 -20.53 9.25 -11.21
C LEU A 4 -22.00 8.90 -11.39
N SER A 5 -22.36 8.48 -12.59
CA SER A 5 -23.74 8.18 -12.90
C SER A 5 -23.93 6.71 -13.31
N GLN A 6 -25.12 6.18 -13.03
CA GLN A 6 -25.45 4.80 -13.35
C GLN A 6 -25.44 4.47 -14.86
N SER A 7 -25.92 5.42 -15.65
CA SER A 7 -25.93 5.36 -17.12
C SER A 7 -24.55 5.20 -17.80
N ASN A 8 -23.51 5.61 -17.09
CA ASN A 8 -22.16 5.48 -17.56
C ASN A 8 -21.30 4.92 -16.43
N PHE A 9 -21.63 3.70 -16.00
CA PHE A 9 -20.87 3.08 -14.94
C PHE A 9 -20.09 1.94 -15.54
N SER A 10 -18.81 2.16 -15.74
CA SER A 10 -17.99 1.15 -16.32
C SER A 10 -16.71 1.12 -15.56
N ALA A 11 -15.95 0.06 -15.72
CA ALA A 11 -14.69 -0.05 -15.03
C ALA A 11 -13.78 1.17 -15.26
N ASP A 12 -13.71 1.63 -16.50
CA ASP A 12 -12.92 2.81 -16.83
C ASP A 12 -13.48 4.06 -16.19
N THR A 13 -14.79 4.20 -16.15
CA THR A 13 -15.36 5.44 -15.63
C THR A 13 -15.24 5.48 -14.13
N TYR A 14 -15.49 4.33 -13.51
CA TYR A 14 -15.33 4.18 -12.07
C TYR A 14 -13.89 4.51 -11.66
N LYS A 15 -12.93 3.96 -12.40
CA LYS A 15 -11.51 4.16 -12.10
C LYS A 15 -11.08 5.64 -12.18
N SER A 16 -11.58 6.34 -13.20
CA SER A 16 -11.41 7.80 -13.34
C SER A 16 -11.99 8.63 -12.24
N PHE A 17 -13.20 8.28 -11.85
CA PHE A 17 -13.91 8.96 -10.80
C PHE A 17 -13.12 8.85 -9.47
N ILE A 18 -12.69 7.63 -9.15
CA ILE A 18 -11.92 7.36 -7.97
C ILE A 18 -10.60 8.09 -8.09
N LYS A 19 -9.98 8.06 -9.26
CA LYS A 19 -8.71 8.77 -9.45
C LYS A 19 -8.86 10.28 -9.26
N ASN A 20 -9.84 10.86 -9.92
CA ASN A 20 -10.07 12.29 -9.76
C ASN A 20 -10.42 12.63 -8.32
N LEU A 21 -11.09 11.72 -7.62
CA LEU A 21 -11.46 11.92 -6.22
C LEU A 21 -10.23 12.00 -5.30
N ARG A 22 -9.35 11.02 -5.45
CA ARG A 22 -8.11 11.01 -4.72
C ARG A 22 -7.38 12.33 -4.92
N LYS A 23 -7.20 12.74 -6.16
CA LYS A 23 -6.35 13.90 -6.37
C LYS A 23 -7.02 15.16 -5.91
N GLN A 24 -8.34 15.17 -5.94
CA GLN A 24 -9.11 16.32 -5.48
C GLN A 24 -9.01 16.41 -3.94
N LEU A 25 -8.97 15.26 -3.29
CA LEU A 25 -8.84 15.20 -1.85
C LEU A 25 -7.46 15.58 -1.40
N THR A 26 -6.46 15.33 -2.25
CA THR A 26 -5.07 15.51 -1.87
C THR A 26 -4.46 16.82 -2.33
N ILE A 27 -5.28 17.73 -2.85
CA ILE A 27 -4.87 19.10 -3.10
C ILE A 27 -4.27 19.65 -1.80
N GLY A 28 -3.06 20.21 -1.87
CA GLY A 28 -2.41 20.78 -0.70
C GLY A 28 -2.10 19.77 0.40
N ALA A 29 -1.92 18.49 0.03
CA ALA A 29 -1.53 17.46 0.98
C ALA A 29 -0.04 17.55 1.36
N SER A 30 0.30 17.09 2.55
CA SER A 30 1.71 16.96 2.98
C SER A 30 2.21 15.53 2.67
N TYR A 31 3.53 15.36 2.70
CA TYR A 31 4.18 14.14 2.21
C TYR A 31 5.31 13.74 3.13
N GLY A 32 5.37 12.44 3.43
CA GLY A 32 6.43 11.87 4.25
C GLY A 32 7.47 11.18 3.41
N SER A 33 8.40 10.51 4.10
CA SER A 33 9.34 9.53 3.52
C SER A 33 8.65 8.58 2.59
N ALA A 34 7.53 8.03 3.08
CA ALA A 34 6.75 7.00 2.39
C ALA A 34 6.14 7.47 1.06
N GLY A 35 5.96 8.78 0.93
CA GLY A 35 5.44 9.40 -0.29
C GLY A 35 3.94 9.20 -0.42
N ILE A 36 3.28 8.86 0.68
CA ILE A 36 1.84 8.64 0.65
C ILE A 36 1.28 9.96 1.14
N PRO A 37 0.41 10.57 0.35
CA PRO A 37 -0.06 11.91 0.72
C PRO A 37 -0.97 11.93 1.95
N ILE A 38 -0.76 12.96 2.79
CA ILE A 38 -1.47 13.06 4.06
C ILE A 38 -2.51 14.15 3.87
N LEU A 39 -3.76 13.84 4.20
CA LEU A 39 -4.82 14.78 3.98
C LEU A 39 -4.57 16.08 4.72
N LYS A 40 -5.25 17.14 4.31
CA LYS A 40 -5.11 18.47 4.95
C LYS A 40 -5.74 18.40 6.32
N HIS A 41 -5.40 19.37 7.15
CA HIS A 41 -5.88 19.40 8.53
C HIS A 41 -6.03 20.86 9.03
N SER A 42 -6.77 21.02 10.11
CA SER A 42 -7.25 22.32 10.59
C SER A 42 -7.60 23.25 9.43
N VAL A 43 -8.49 22.74 8.59
CA VAL A 43 -8.98 23.44 7.43
C VAL A 43 -10.16 24.31 7.87
N PRO A 44 -10.21 25.58 7.39
CA PRO A 44 -11.40 26.38 7.70
C PRO A 44 -12.69 25.70 7.23
N ILE A 45 -13.74 25.74 8.05
CA ILE A 45 -15.01 25.04 7.74
C ILE A 45 -15.55 25.39 6.35
N CYS A 46 -15.39 26.65 5.96
CA CYS A 46 -15.79 27.13 4.65
C CYS A 46 -15.18 26.34 3.48
N GLU A 47 -14.04 25.73 3.71
CA GLU A 47 -13.29 25.07 2.66
C GLU A 47 -13.15 23.57 2.90
N ARG A 48 -13.75 23.06 3.97
CA ARG A 48 -13.51 21.70 4.38
C ARG A 48 -14.36 20.64 3.67
N PHE A 49 -15.22 21.01 2.72
CA PHE A 49 -16.06 20.01 2.05
C PHE A 49 -15.86 19.94 0.56
N LEU A 50 -15.85 18.72 0.05
CA LEU A 50 -15.79 18.43 -1.36
C LEU A 50 -17.13 17.81 -1.71
N LEU A 51 -17.75 18.33 -2.76
CA LEU A 51 -19.04 17.87 -3.23
C LEU A 51 -18.86 16.89 -4.37
N VAL A 52 -19.63 15.82 -4.28
CA VAL A 52 -19.66 14.79 -5.26
C VAL A 52 -21.14 14.42 -5.59
N ASP A 53 -21.42 14.22 -6.87
CA ASP A 53 -22.76 13.92 -7.32
C ASP A 53 -22.88 12.48 -7.78
N LEU A 54 -23.95 11.85 -7.36
CA LEU A 54 -24.22 10.47 -7.71
C LEU A 54 -25.64 10.38 -8.27
N THR A 55 -25.72 9.80 -9.46
CA THR A 55 -26.94 9.75 -10.21
C THR A 55 -27.28 8.29 -10.45
N ASN A 56 -28.54 7.91 -10.20
CA ASN A 56 -28.98 6.51 -10.19
C ASN A 56 -29.70 6.14 -11.49
N GLY A 57 -30.35 4.97 -11.50
CA GLY A 57 -31.00 4.40 -12.69
C GLY A 57 -32.20 5.19 -13.17
N ASP A 58 -32.93 5.78 -12.22
CA ASP A 58 -33.88 6.87 -12.52
C ASP A 58 -32.96 8.05 -12.83
N ASN A 59 -33.39 9.13 -13.45
CA ASN A 59 -32.37 10.20 -13.71
C ASN A 59 -32.24 11.08 -12.43
N GLU A 60 -32.05 10.46 -11.25
CA GLU A 60 -32.09 11.22 -9.96
C GLU A 60 -30.76 11.24 -9.25
N THR A 61 -30.44 12.37 -8.64
CA THR A 61 -29.11 12.69 -8.18
C THR A 61 -29.05 13.10 -6.69
N ILE A 62 -28.04 12.58 -5.99
CA ILE A 62 -27.66 13.11 -4.69
C ILE A 62 -26.28 13.73 -4.79
N THR A 63 -26.05 14.74 -3.94
CA THR A 63 -24.79 15.42 -3.82
C THR A 63 -24.28 15.19 -2.41
N LEU A 64 -23.12 14.58 -2.29
CA LEU A 64 -22.56 14.22 -0.99
C LEU A 64 -21.42 15.13 -0.64
N ALA A 65 -21.42 15.56 0.62
CA ALA A 65 -20.38 16.41 1.15
C ALA A 65 -19.33 15.55 1.87
N ILE A 66 -18.13 15.56 1.34
CA ILE A 66 -17.04 14.81 1.91
C ILE A 66 -16.18 15.76 2.72
N ASN A 67 -15.90 15.40 3.96
CA ASN A 67 -14.99 16.16 4.77
C ASN A 67 -13.55 15.83 4.31
N VAL A 68 -12.87 16.87 3.86
CA VAL A 68 -11.59 16.69 3.22
C VAL A 68 -10.49 16.40 4.22
N GLU A 69 -10.77 16.62 5.50
CA GLU A 69 -9.81 16.29 6.52
C GLU A 69 -9.74 14.81 6.78
N ASP A 70 -10.83 14.08 6.57
CA ASP A 70 -10.86 12.64 6.89
C ASP A 70 -11.55 11.75 5.88
N ALA A 71 -11.90 12.27 4.71
CA ALA A 71 -12.56 11.49 3.69
C ALA A 71 -13.78 10.70 4.20
N GLY A 72 -14.59 11.31 5.05
CA GLY A 72 -15.88 10.72 5.46
C GLY A 72 -17.01 11.57 4.95
N PHE A 73 -18.18 10.99 4.83
CA PHE A 73 -19.33 11.79 4.47
C PHE A 73 -19.77 12.58 5.67
N ALA A 74 -20.02 13.86 5.47
CA ALA A 74 -20.61 14.73 6.49
C ALA A 74 -22.14 14.91 6.32
N ALA A 75 -22.58 15.07 5.07
CA ALA A 75 -23.97 15.29 4.77
C ALA A 75 -24.27 15.02 3.30
N TYR A 76 -25.55 15.05 2.94
CA TYR A 76 -25.94 15.02 1.51
C TYR A 76 -27.20 15.77 1.24
N ARG A 77 -27.39 16.12 -0.04
CA ARG A 77 -28.57 16.79 -0.56
C ARG A 77 -29.30 15.88 -1.55
N ALA A 78 -30.62 15.78 -1.39
CA ALA A 78 -31.47 15.25 -2.43
C ALA A 78 -32.47 16.35 -2.72
N ALA A 79 -32.42 16.88 -3.95
CA ALA A 79 -33.35 17.91 -4.40
C ALA A 79 -33.30 19.15 -3.44
N ASP A 80 -34.41 19.53 -2.81
CA ASP A 80 -34.48 20.68 -1.90
C ASP A 80 -34.34 20.27 -0.40
N ARG A 81 -33.92 19.02 -0.17
CA ARG A 81 -33.73 18.45 1.14
C ARG A 81 -32.26 18.10 1.38
N SER A 82 -31.81 18.18 2.62
CA SER A 82 -30.49 17.73 2.95
C SER A 82 -30.45 17.12 4.33
N TYR A 83 -29.52 16.19 4.50
CA TYR A 83 -29.42 15.34 5.68
C TYR A 83 -27.97 15.32 6.17
N PHE A 84 -27.79 15.58 7.47
CA PHE A 84 -26.48 15.72 8.14
C PHE A 84 -26.31 14.63 9.17
N PHE A 85 -25.14 14.01 9.26
CA PHE A 85 -24.86 13.16 10.41
C PHE A 85 -24.71 13.96 11.70
N GLN A 86 -24.97 13.33 12.83
CA GLN A 86 -24.86 13.95 14.14
C GLN A 86 -23.46 14.45 14.43
N ASN A 87 -22.47 13.72 13.95
CA ASN A 87 -21.09 14.07 14.19
C ASN A 87 -20.45 14.87 13.05
N ALA A 88 -21.28 15.43 12.16
CA ALA A 88 -20.77 16.38 11.19
C ALA A 88 -20.18 17.55 11.97
N PRO A 89 -19.14 18.20 11.42
CA PRO A 89 -18.61 19.37 12.14
C PRO A 89 -19.77 20.27 12.52
N PRO A 90 -19.83 20.73 13.79
CA PRO A 90 -21.03 21.45 14.26
C PRO A 90 -21.50 22.67 13.41
N ILE A 91 -20.58 23.35 12.72
CA ILE A 91 -20.89 24.53 11.88
C ILE A 91 -21.25 24.17 10.42
N ALA A 92 -21.18 22.89 10.08
CA ALA A 92 -21.31 22.43 8.69
C ALA A 92 -22.59 22.84 8.02
N SER A 93 -23.67 22.87 8.78
CA SER A 93 -24.96 23.21 8.21
C SER A 93 -25.06 24.66 7.74
N TYR A 94 -24.17 25.55 8.22
CA TYR A 94 -24.08 26.96 7.75
C TYR A 94 -23.24 27.19 6.52
N VAL A 95 -22.58 26.14 6.05
CA VAL A 95 -21.67 26.22 4.92
C VAL A 95 -22.17 25.42 3.73
N ILE A 96 -22.78 24.25 3.96
CA ILE A 96 -23.19 23.36 2.86
C ILE A 96 -24.72 23.21 2.90
N PHE A 97 -25.34 23.13 1.70
CA PHE A 97 -26.77 22.87 1.58
C PHE A 97 -27.60 23.89 2.37
N THR A 98 -27.10 25.12 2.33
CA THR A 98 -27.64 26.27 3.02
C THR A 98 -29.11 26.49 2.67
N ASP A 99 -29.41 26.47 1.35
CA ASP A 99 -30.73 26.76 0.84
C ASP A 99 -31.54 25.47 0.68
N THR A 100 -31.73 24.71 1.75
CA THR A 100 -32.49 23.47 1.68
C THR A 100 -33.19 23.20 2.99
N ASN A 101 -34.04 22.17 3.01
CA ASN A 101 -34.65 21.74 4.29
C ASN A 101 -33.72 20.70 4.96
N GLN A 102 -33.09 21.16 6.05
CA GLN A 102 -32.02 20.43 6.73
C GLN A 102 -32.55 19.50 7.80
N ASN A 103 -32.15 18.24 7.73
CA ASN A 103 -32.55 17.25 8.69
C ASN A 103 -31.31 16.67 9.34
N ILE A 104 -31.42 16.30 10.62
CA ILE A 104 -30.37 15.56 11.32
C ILE A 104 -30.67 14.06 11.32
N MET A 105 -29.75 13.25 10.81
CA MET A 105 -29.82 11.82 10.95
C MET A 105 -29.34 11.52 12.36
N ASN A 106 -30.07 10.70 13.11
CA ASN A 106 -29.73 10.51 14.51
C ASN A 106 -28.79 9.34 14.72
N PHE A 107 -27.61 9.51 14.11
CA PHE A 107 -26.45 8.62 14.19
C PHE A 107 -25.21 9.25 13.53
N ASN A 108 -24.06 8.70 13.87
CA ASN A 108 -22.79 9.19 13.42
C ASN A 108 -22.44 8.57 12.07
N ASN A 109 -21.56 9.25 11.33
CA ASN A 109 -21.07 8.73 10.04
C ASN A 109 -20.09 7.54 10.11
N THR A 110 -19.89 6.95 11.29
CA THR A 110 -18.95 5.85 11.45
C THR A 110 -19.63 4.57 11.13
N PHE A 111 -18.84 3.56 10.80
CA PHE A 111 -19.40 2.24 10.52
C PHE A 111 -20.13 1.65 11.71
N GLU A 112 -19.49 1.72 12.87
CA GLU A 112 -20.03 1.23 14.11
C GLU A 112 -21.40 1.81 14.31
N SER A 113 -21.49 3.13 14.22
CA SER A 113 -22.75 3.81 14.50
C SER A 113 -23.80 3.42 13.48
N ILE A 114 -23.40 3.34 12.22
CA ILE A 114 -24.33 2.99 11.15
C ILE A 114 -24.85 1.57 11.29
N GLU A 115 -23.95 0.66 11.64
CA GLU A 115 -24.28 -0.75 11.80
C GLU A 115 -25.21 -1.01 13.00
N ILE A 116 -24.95 -0.33 14.13
CA ILE A 116 -25.81 -0.41 15.31
C ILE A 116 -27.24 0.06 14.99
N VAL A 117 -27.37 1.20 14.34
CA VAL A 117 -28.66 1.76 14.02
C VAL A 117 -29.41 1.01 12.92
N GLY A 118 -28.71 0.54 11.91
CA GLY A 118 -29.36 -0.19 10.84
C GLY A 118 -29.53 -1.67 11.16
N GLY A 119 -28.91 -2.14 12.25
CA GLY A 119 -28.96 -3.54 12.65
C GLY A 119 -28.34 -4.53 11.69
N THR A 120 -27.42 -4.06 10.86
CA THR A 120 -26.93 -4.81 9.71
C THR A 120 -25.48 -4.47 9.51
N THR A 121 -24.63 -5.49 9.38
CA THR A 121 -23.19 -5.26 9.20
C THR A 121 -22.67 -5.26 7.74
N ARG A 122 -21.48 -4.74 7.56
CA ARG A 122 -20.84 -4.74 6.27
C ARG A 122 -20.70 -6.09 5.66
N SER A 123 -20.29 -7.09 6.45
CA SER A 123 -20.12 -8.47 6.01
C SER A 123 -21.35 -9.05 5.35
N GLU A 124 -22.52 -8.61 5.80
CA GLU A 124 -23.76 -9.12 5.25
C GLU A 124 -24.44 -8.13 4.28
N THR A 125 -23.70 -7.09 3.86
CA THR A 125 -24.23 -6.05 2.96
C THR A 125 -23.57 -6.12 1.56
N PRO A 126 -24.35 -6.49 0.54
CA PRO A 126 -23.77 -6.62 -0.80
C PRO A 126 -23.37 -5.30 -1.44
N LEU A 127 -22.27 -5.38 -2.19
CA LEU A 127 -21.72 -4.23 -2.91
C LEU A 127 -21.71 -4.63 -4.35
N GLY A 128 -21.87 -3.66 -5.23
CA GLY A 128 -22.00 -3.94 -6.64
C GLY A 128 -22.63 -2.78 -7.35
N ILE A 129 -22.76 -2.94 -8.65
CA ILE A 129 -23.29 -1.89 -9.51
C ILE A 129 -24.74 -1.55 -9.10
N MET A 130 -25.56 -2.58 -8.90
CA MET A 130 -26.99 -2.36 -8.72
C MET A 130 -27.32 -2.00 -7.28
N HIS A 131 -26.40 -2.17 -6.37
CA HIS A 131 -26.59 -1.86 -4.97
C HIS A 131 -26.29 -0.45 -4.70
N PHE A 132 -25.34 -0.06 -5.44
CA PHE A 132 -24.92 1.33 -5.47
C PHE A 132 -26.02 2.20 -6.06
N GLU A 133 -26.65 1.70 -7.11
CA GLU A 133 -27.72 2.39 -7.80
C GLU A 133 -28.92 2.48 -6.86
N ALA A 134 -29.18 1.39 -6.14
CA ALA A 134 -30.31 1.40 -5.19
C ALA A 134 -30.04 2.20 -3.94
N SER A 135 -28.80 2.15 -3.46
CA SER A 135 -28.42 2.98 -2.33
C SER A 135 -28.64 4.46 -2.65
N ILE A 136 -28.35 4.88 -3.87
CA ILE A 136 -28.62 6.28 -4.25
C ILE A 136 -30.14 6.59 -4.17
N PHE A 137 -30.99 5.72 -4.72
CA PHE A 137 -32.46 5.88 -4.62
C PHE A 137 -32.95 6.01 -3.20
N HIS A 138 -32.55 5.09 -2.32
CA HIS A 138 -33.06 5.16 -0.93
C HIS A 138 -32.67 6.46 -0.22
N LEU A 139 -31.47 6.96 -0.51
CA LEU A 139 -31.04 8.24 0.04
C LEU A 139 -31.85 9.34 -0.58
N PHE A 140 -32.14 9.26 -1.88
CA PHE A 140 -32.86 10.33 -2.55
C PHE A 140 -34.24 10.54 -1.92
N VAL A 141 -34.97 9.45 -1.73
CA VAL A 141 -36.28 9.49 -1.07
C VAL A 141 -36.17 9.52 0.47
N HIS A 142 -35.00 9.18 0.98
CA HIS A 142 -34.74 9.10 2.42
C HIS A 142 -35.70 8.13 3.10
N ASP A 143 -35.65 6.89 2.64
CA ASP A 143 -36.36 5.81 3.26
C ASP A 143 -35.59 5.41 4.50
N GLU A 144 -36.06 5.83 5.66
CA GLU A 144 -35.26 5.72 6.90
C GLU A 144 -34.76 4.28 7.11
N ASN A 145 -35.56 3.30 6.74
CA ASN A 145 -35.20 1.90 6.93
C ASN A 145 -34.05 1.43 6.10
N TYR A 146 -33.78 2.14 5.01
CA TYR A 146 -32.69 1.82 4.10
C TYR A 146 -31.56 2.81 4.08
N VAL A 147 -31.64 3.89 4.85
CA VAL A 147 -30.59 4.91 4.88
C VAL A 147 -29.27 4.32 5.38
N PRO A 148 -29.27 3.65 6.54
CA PRO A 148 -28.00 3.11 7.05
C PRO A 148 -27.25 2.20 6.08
N THR A 149 -27.96 1.23 5.55
CA THR A 149 -27.36 0.17 4.75
C THR A 149 -26.89 0.77 3.42
N SER A 150 -27.57 1.83 2.98
CA SER A 150 -27.22 2.57 1.77
C SER A 150 -25.89 3.27 1.95
N PHE A 151 -25.75 3.95 3.09
CA PHE A 151 -24.46 4.48 3.47
C PHE A 151 -23.34 3.43 3.58
N LEU A 152 -23.68 2.21 3.99
CA LEU A 152 -22.63 1.18 4.06
C LEU A 152 -22.10 0.90 2.68
N VAL A 153 -23.00 0.81 1.72
CA VAL A 153 -22.64 0.58 0.30
C VAL A 153 -21.78 1.73 -0.23
N LEU A 154 -22.34 2.93 -0.16
CA LEU A 154 -21.74 4.09 -0.79
C LEU A 154 -20.48 4.59 -0.12
N ILE A 155 -20.42 4.55 1.20
CA ILE A 155 -19.17 4.86 1.86
C ILE A 155 -18.08 3.90 1.37
N GLN A 156 -18.41 2.64 1.18
CA GLN A 156 -17.36 1.71 0.79
C GLN A 156 -16.96 1.82 -0.65
N MET A 157 -17.94 1.95 -1.52
CA MET A 157 -17.68 2.01 -2.96
C MET A 157 -17.10 3.34 -3.42
N VAL A 158 -17.20 4.37 -2.60
CA VAL A 158 -16.69 5.68 -3.01
C VAL A 158 -15.47 5.99 -2.15
N LEU A 159 -15.68 6.17 -0.83
CA LEU A 159 -14.64 6.70 0.05
C LEU A 159 -13.59 5.67 0.40
N GLU A 160 -14.01 4.51 0.84
CA GLU A 160 -13.03 3.48 1.21
C GLU A 160 -12.24 3.02 -0.03
N ALA A 161 -12.89 2.94 -1.20
CA ALA A 161 -12.17 2.67 -2.47
C ALA A 161 -11.15 3.77 -2.84
N ALA A 162 -11.44 5.02 -2.49
CA ALA A 162 -10.51 6.11 -2.69
C ALA A 162 -9.33 5.96 -1.76
N LYS A 163 -9.57 5.52 -0.53
CA LYS A 163 -8.49 5.26 0.44
C LYS A 163 -7.58 4.11 0.07
N PHE A 164 -8.13 3.06 -0.50
CA PHE A 164 -7.39 1.83 -0.75
C PHE A 164 -7.62 1.31 -2.15
N LYS A 165 -6.53 1.18 -2.90
CA LYS A 165 -6.58 0.59 -4.24
C LYS A 165 -7.09 -0.83 -4.23
N PHE A 166 -6.82 -1.56 -3.15
CA PHE A 166 -7.33 -2.89 -3.04
C PHE A 166 -8.82 -2.84 -3.17
N ILE A 167 -9.42 -1.90 -2.47
CA ILE A 167 -10.86 -1.78 -2.47
C ILE A 167 -11.36 -1.30 -3.80
N GLU A 168 -10.72 -0.29 -4.37
CA GLU A 168 -11.03 0.14 -5.73
C GLU A 168 -11.10 -1.10 -6.64
N GLN A 169 -10.08 -1.92 -6.52
CA GLN A 169 -9.90 -3.04 -7.42
C GLN A 169 -11.01 -4.06 -7.19
N LYS A 170 -11.34 -4.24 -5.92
CA LYS A 170 -12.44 -5.09 -5.50
C LYS A 170 -13.75 -4.69 -6.18
N VAL A 171 -14.00 -3.38 -6.27
CA VAL A 171 -15.17 -2.87 -6.99
C VAL A 171 -15.08 -3.06 -8.51
N ILE A 172 -13.87 -2.97 -9.06
CA ILE A 172 -13.65 -3.13 -10.49
C ILE A 172 -13.88 -4.55 -10.93
N HIS A 173 -13.38 -5.51 -10.16
CA HIS A 173 -13.69 -6.92 -10.43
C HIS A 173 -15.19 -7.13 -10.46
N SER A 174 -15.89 -6.49 -9.53
CA SER A 174 -17.33 -6.59 -9.45
C SER A 174 -18.06 -6.04 -10.68
N ILE A 175 -17.61 -4.89 -11.17
CA ILE A 175 -18.18 -4.31 -12.37
C ILE A 175 -17.93 -5.16 -13.61
N MET A 176 -16.70 -5.65 -13.74
CA MET A 176 -16.34 -6.47 -14.89
C MET A 176 -16.94 -7.86 -14.93
N ASP A 177 -16.95 -8.53 -13.79
CA ASP A 177 -17.50 -9.86 -13.69
C ASP A 177 -19.01 -9.83 -13.58
N MET A 178 -19.54 -8.65 -13.33
CA MET A 178 -20.96 -8.46 -13.17
C MET A 178 -21.43 -9.29 -11.98
N GLU A 179 -20.58 -9.30 -10.95
CA GLU A 179 -20.88 -10.04 -9.73
C GLU A 179 -20.82 -9.23 -8.44
N ASP A 180 -21.87 -9.30 -7.65
CA ASP A 180 -21.86 -8.71 -6.32
C ASP A 180 -20.84 -9.38 -5.42
N PHE A 181 -20.39 -8.65 -4.41
CA PHE A 181 -19.54 -9.21 -3.38
C PHE A 181 -19.91 -8.58 -2.08
N THR A 182 -19.64 -9.30 -0.99
CA THR A 182 -19.61 -8.72 0.32
C THR A 182 -18.14 -8.63 0.73
N PRO A 183 -17.80 -7.59 1.49
CA PRO A 183 -16.41 -7.41 1.87
C PRO A 183 -15.92 -8.49 2.81
N GLY A 184 -14.83 -9.13 2.45
CA GLY A 184 -14.16 -10.07 3.38
C GLY A 184 -13.26 -9.37 4.41
N LEU A 185 -12.48 -10.17 5.10
CA LEU A 185 -11.55 -9.67 6.11
C LEU A 185 -10.47 -8.79 5.53
N ALA A 186 -10.08 -9.05 4.29
CA ALA A 186 -9.10 -8.22 3.59
C ALA A 186 -9.55 -6.77 3.48
N MET A 187 -10.77 -6.59 2.98
CA MET A 187 -11.35 -5.26 2.82
C MET A 187 -11.59 -4.58 4.19
N LEU A 188 -12.14 -5.34 5.11
CA LEU A 188 -12.47 -4.86 6.42
C LEU A 188 -11.28 -4.45 7.24
N SER A 189 -10.17 -5.15 7.04
CA SER A 189 -8.92 -4.87 7.74
C SER A 189 -8.46 -3.49 7.45
N LEU A 190 -8.55 -3.14 6.19
CA LEU A 190 -8.16 -1.83 5.69
C LEU A 190 -9.05 -0.77 6.22
N GLU A 191 -10.32 -0.92 6.00
CA GLU A 191 -11.30 0.02 6.54
C GLU A 191 -11.09 0.22 8.03
N GLU A 192 -10.92 -0.87 8.76
CA GLU A 192 -10.75 -0.81 10.20
C GLU A 192 -9.50 0.01 10.57
N ASN A 193 -8.42 -0.16 9.81
CA ASN A 193 -7.10 0.38 10.20
C ASN A 193 -6.59 1.63 9.49
N TRP A 194 -7.40 2.23 8.64
CA TRP A 194 -6.97 3.43 7.95
C TRP A 194 -6.35 4.46 8.92
N THR A 195 -7.02 4.80 10.01
CA THR A 195 -6.49 5.84 10.88
C THR A 195 -5.22 5.39 11.60
N GLN A 196 -5.21 4.12 12.02
CA GLN A 196 -4.06 3.53 12.69
C GLN A 196 -2.82 3.41 11.79
N LEU A 197 -3.02 2.99 10.54
CA LEU A 197 -1.94 2.95 9.57
C LEU A 197 -1.43 4.34 9.27
N SER A 198 -2.33 5.34 9.22
CA SER A 198 -1.91 6.74 9.03
C SER A 198 -0.96 7.13 10.14
N LEU A 199 -1.37 6.89 11.37
CA LEU A 199 -0.54 7.15 12.57
C LEU A 199 0.81 6.45 12.52
N GLN A 200 0.81 5.14 12.23
CA GLN A 200 2.09 4.41 12.23
C GLN A 200 3.04 4.87 11.12
N LEU A 201 2.49 5.14 9.94
CA LEU A 201 3.33 5.70 8.89
C LEU A 201 4.00 6.97 9.32
N GLN A 202 3.26 7.85 9.96
CA GLN A 202 3.82 9.14 10.31
C GLN A 202 4.80 9.06 11.50
N ALA A 203 4.48 8.19 12.45
CA ALA A 203 5.37 7.90 13.57
C ALA A 203 6.67 7.20 13.19
N SER A 204 6.57 6.31 12.22
CA SER A 204 7.75 5.58 11.70
C SER A 204 8.84 6.47 11.14
N GLU A 205 8.51 7.72 10.80
CA GLU A 205 9.49 8.70 10.31
C GLU A 205 10.75 8.69 11.18
N SER A 206 10.59 8.62 12.50
CA SER A 206 11.72 8.62 13.42
C SER A 206 12.29 7.22 13.85
N LEU A 207 11.73 6.11 13.36
CA LEU A 207 12.26 4.75 13.61
C LEU A 207 12.65 4.08 12.30
N ASN A 208 13.20 4.83 11.35
CA ASN A 208 13.63 4.27 10.07
C ASN A 208 12.50 3.43 9.38
N GLY A 209 11.27 3.94 9.41
CA GLY A 209 10.15 3.31 8.70
C GLY A 209 9.48 2.18 9.46
N VAL A 210 9.85 2.02 10.71
CA VAL A 210 9.28 0.98 11.53
C VAL A 210 8.17 1.57 12.40
N PHE A 211 7.12 0.78 12.56
CA PHE A 211 5.98 1.22 13.30
C PHE A 211 6.23 1.02 14.78
N GLY A 212 5.52 1.79 15.60
CA GLY A 212 5.45 1.63 17.02
C GLY A 212 4.67 0.37 17.37
N ASP A 213 3.65 0.10 16.57
CA ASP A 213 2.78 -1.05 16.75
C ASP A 213 2.44 -1.72 15.42
N SER A 214 2.14 -3.02 15.46
CA SER A 214 1.77 -3.79 14.28
C SER A 214 0.30 -3.70 13.91
N VAL A 215 0.00 -3.83 12.63
CA VAL A 215 -1.35 -3.76 12.12
C VAL A 215 -1.57 -5.02 11.31
N SER A 216 -2.69 -5.69 11.52
CA SER A 216 -2.97 -6.94 10.86
C SER A 216 -3.86 -6.70 9.68
N LEU A 217 -3.36 -6.99 8.49
CA LEU A 217 -4.13 -6.87 7.28
C LEU A 217 -4.32 -8.25 6.68
N TYR A 218 -5.57 -8.61 6.43
CA TYR A 218 -5.83 -9.87 5.84
C TYR A 218 -5.68 -9.82 4.33
N ASN A 219 -5.24 -10.95 3.79
CA ASN A 219 -5.29 -11.18 2.35
C ASN A 219 -6.58 -11.94 1.98
N SER A 220 -6.75 -12.27 0.71
CA SER A 220 -8.01 -12.91 0.27
C SER A 220 -8.12 -14.41 0.65
N MET A 221 -7.05 -14.98 1.21
CA MET A 221 -7.05 -16.28 1.86
C MET A 221 -7.37 -16.22 3.35
N ASP A 222 -7.74 -15.05 3.87
CA ASP A 222 -7.98 -14.82 5.28
C ASP A 222 -6.78 -15.04 6.17
N GLU A 223 -5.57 -14.96 5.62
CA GLU A 223 -4.36 -15.11 6.42
C GLU A 223 -4.07 -13.68 6.78
N PRO A 224 -3.85 -13.42 8.07
CA PRO A 224 -3.43 -12.10 8.52
C PRO A 224 -1.96 -11.83 8.33
N ILE A 225 -1.65 -10.71 7.70
CA ILE A 225 -0.28 -10.34 7.49
C ILE A 225 -0.03 -9.17 8.41
N GLY A 226 1.02 -9.27 9.21
CA GLY A 226 1.33 -8.20 10.13
C GLY A 226 2.17 -7.14 9.48
N VAL A 227 1.67 -5.90 9.53
CA VAL A 227 2.39 -4.79 8.96
C VAL A 227 2.90 -3.94 10.11
N ASP A 228 4.19 -4.05 10.36
CA ASP A 228 4.85 -3.35 11.43
C ASP A 228 5.86 -2.36 10.90
N SER A 229 5.80 -2.12 9.61
CA SER A 229 6.73 -1.20 9.00
C SER A 229 6.18 -0.72 7.68
N MET A 230 6.83 0.28 7.12
CA MET A 230 6.44 0.79 5.79
C MET A 230 6.87 -0.08 4.59
N TYR A 231 7.54 -1.22 4.83
CA TYR A 231 8.13 -1.99 3.76
C TYR A 231 7.22 -3.11 3.33
N TYR A 232 5.92 -2.87 3.29
CA TYR A 232 4.98 -3.86 2.76
C TYR A 232 4.23 -3.32 1.53
N PRO A 233 4.39 -3.99 0.37
CA PRO A 233 3.69 -3.54 -0.83
C PRO A 233 2.18 -3.49 -0.72
N ILE A 234 1.61 -4.40 0.07
CA ILE A 234 0.18 -4.37 0.40
C ILE A 234 -0.26 -3.15 1.22
N LEU A 235 0.67 -2.35 1.71
CA LEU A 235 0.32 -1.05 2.26
C LEU A 235 0.69 0.09 1.31
N THR A 236 1.96 0.08 0.93
CA THR A 236 2.58 1.17 0.21
C THR A 236 1.98 1.34 -1.22
N ALA A 237 1.64 0.24 -1.88
CA ALA A 237 1.00 0.27 -3.18
C ALA A 237 -0.51 0.08 -3.11
N ASN A 238 -1.11 0.44 -1.97
CA ASN A 238 -2.52 0.17 -1.71
C ASN A 238 -3.18 1.46 -1.19
N MET A 239 -2.85 1.82 0.05
CA MET A 239 -3.41 2.97 0.75
C MET A 239 -3.00 4.22 0.02
N ALA A 240 -3.97 5.02 -0.44
CA ALA A 240 -3.71 6.15 -1.33
C ALA A 240 -3.56 7.48 -0.64
N PHE A 241 -4.14 7.63 0.55
CA PHE A 241 -3.92 8.80 1.38
C PHE A 241 -4.15 8.48 2.85
N GLN A 242 -3.60 9.34 3.70
CA GLN A 242 -3.60 9.12 5.13
C GLN A 242 -4.32 10.22 5.82
N LEU A 243 -4.76 9.93 7.04
CA LEU A 243 -5.24 10.93 7.97
C LEU A 243 -4.08 11.74 8.59
N TYR A 244 -4.22 13.04 8.77
CA TYR A 244 -3.20 13.78 9.48
C TYR A 244 -3.17 13.27 10.88
N GLN A 245 -1.96 12.95 11.35
CA GLN A 245 -1.76 12.42 12.70
C GLN A 245 -0.59 13.02 13.43
N CYS A 246 0.54 13.20 12.78
CA CYS A 246 1.78 13.63 13.47
C CYS A 246 2.44 14.78 12.75
N PRO A 247 3.15 15.65 13.49
CA PRO A 247 4.02 16.65 12.85
C PRO A 247 5.37 16.07 12.39
N ASN B 1 0.63 13.99 21.64
CA ASN B 1 0.56 12.55 21.18
C ASN B 1 1.93 11.84 21.31
N GLU B 2 2.07 11.02 22.35
CA GLU B 2 3.31 10.28 22.58
C GLU B 2 3.51 9.09 21.63
N GLN B 3 2.40 8.60 21.05
CA GLN B 3 2.43 7.62 19.94
C GLN B 3 2.94 8.19 18.60
N CYS B 4 3.15 9.49 18.48
CA CYS B 4 3.90 10.03 17.35
C CYS B 4 5.40 9.77 17.47
N SER B 5 5.87 9.44 18.68
CA SER B 5 7.29 9.23 19.00
C SER B 5 7.57 7.90 19.66
N PRO B 6 7.45 6.80 18.91
CA PRO B 6 7.71 5.49 19.52
C PRO B 6 9.15 5.39 20.00
N GLN B 7 9.32 4.81 21.17
CA GLN B 7 10.63 4.65 21.77
C GLN B 7 11.53 3.62 21.13
N GLN B 8 10.94 2.50 20.76
CA GLN B 8 11.65 1.41 20.14
C GLN B 8 10.68 0.46 19.46
N ARG B 9 11.23 -0.46 18.66
CA ARG B 9 10.43 -1.54 18.13
C ARG B 9 11.32 -2.73 17.76
N THR B 10 10.93 -3.91 18.23
CA THR B 10 11.66 -5.11 17.88
C THR B 10 10.96 -5.82 16.71
N THR B 11 11.72 -6.21 15.70
CA THR B 11 11.22 -6.76 14.46
C THR B 11 12.29 -7.70 13.84
N ARG B 12 11.98 -8.35 12.73
CA ARG B 12 13.01 -9.09 11.99
C ARG B 12 13.44 -8.32 10.73
N ILE B 13 14.45 -8.85 10.04
CA ILE B 13 14.87 -8.29 8.78
C ILE B 13 15.13 -9.40 7.80
N SER B 14 14.38 -9.39 6.72
CA SER B 14 14.45 -10.40 5.69
C SER B 14 14.93 -9.75 4.42
N GLY B 15 15.39 -10.55 3.48
CA GLY B 15 15.94 -10.04 2.26
C GLY B 15 16.13 -11.09 1.22
N ARG B 16 17.35 -11.29 0.77
CA ARG B 16 17.61 -12.23 -0.32
C ARG B 16 17.05 -13.60 -0.07
N ASP B 17 16.36 -14.07 -1.09
CA ASP B 17 15.67 -15.35 -1.10
C ASP B 17 14.78 -15.56 0.14
N GLY B 18 14.38 -14.50 0.83
CA GLY B 18 13.53 -14.63 2.02
C GLY B 18 14.23 -15.15 3.28
N LEU B 19 15.56 -15.09 3.30
CA LEU B 19 16.35 -15.40 4.47
C LEU B 19 16.50 -14.15 5.35
N CYS B 20 16.86 -14.37 6.60
CA CYS B 20 16.86 -13.36 7.61
C CYS B 20 18.27 -12.96 8.00
N VAL B 21 18.39 -11.72 8.47
CA VAL B 21 19.61 -11.13 9.00
C VAL B 21 19.80 -11.72 10.39
N ASP B 22 20.96 -12.35 10.65
CA ASP B 22 21.14 -13.29 11.79
C ASP B 22 22.56 -13.13 12.32
N VAL B 23 22.76 -12.93 13.62
CA VAL B 23 24.12 -12.89 14.19
C VAL B 23 24.65 -14.29 14.28
N TYR B 24 25.73 -14.61 13.57
CA TYR B 24 26.19 -16.01 13.45
C TYR B 24 26.38 -16.66 14.82
N GLY B 25 25.75 -17.82 15.03
CA GLY B 25 25.87 -18.57 16.30
C GLY B 25 25.51 -17.84 17.60
N ALA B 26 24.69 -16.79 17.48
CA ALA B 26 24.32 -15.89 18.62
C ALA B 26 25.51 -15.39 19.47
N LEU B 27 26.65 -15.13 18.81
CA LEU B 27 27.86 -14.70 19.46
C LEU B 27 27.77 -13.21 19.73
N THR B 28 28.23 -12.82 20.91
CA THR B 28 28.01 -11.48 21.46
C THR B 28 29.29 -10.67 21.45
N ALA B 29 30.38 -11.26 20.98
CA ALA B 29 31.67 -10.60 21.08
C ALA B 29 31.70 -9.45 20.08
N ASP B 30 32.30 -8.32 20.45
CA ASP B 30 32.44 -7.22 19.50
C ASP B 30 32.94 -7.70 18.14
N GLY B 31 32.34 -7.20 17.06
CA GLY B 31 32.69 -7.63 15.72
C GLY B 31 32.23 -9.03 15.30
N SER B 32 31.34 -9.65 16.11
CA SER B 32 30.65 -10.91 15.74
C SER B 32 29.79 -10.67 14.51
N ARG B 33 30.03 -11.44 13.46
CA ARG B 33 29.47 -11.12 12.15
C ARG B 33 27.99 -11.45 12.01
N VAL B 34 27.41 -10.90 10.94
CA VAL B 34 26.01 -11.11 10.59
C VAL B 34 25.88 -11.81 9.23
N ILE B 35 24.94 -12.74 9.15
CA ILE B 35 24.74 -13.59 7.98
C ILE B 35 23.26 -13.73 7.57
N LEU B 36 23.03 -14.25 6.34
CA LEU B 36 21.73 -14.85 5.97
C LEU B 36 21.53 -16.17 6.73
N TYR B 37 20.35 -16.36 7.29
CA TYR B 37 19.98 -17.62 7.88
C TYR B 37 18.50 -17.79 7.71
N PRO B 38 18.02 -19.05 7.69
CA PRO B 38 16.57 -19.22 7.60
C PRO B 38 15.86 -18.62 8.79
N CYS B 39 14.72 -17.96 8.53
CA CYS B 39 13.99 -17.15 9.53
C CYS B 39 13.40 -17.96 10.69
N GLY B 40 13.56 -17.46 11.91
CA GLY B 40 12.94 -18.06 13.07
C GLY B 40 12.70 -17.08 14.22
N GLN B 41 12.52 -17.66 15.40
CA GLN B 41 12.11 -16.91 16.60
C GLN B 41 13.27 -16.48 17.46
N GLN B 42 14.45 -17.02 17.17
CA GLN B 42 15.64 -16.79 18.01
C GLN B 42 15.97 -15.32 18.17
N GLN B 43 16.52 -14.98 19.32
CA GLN B 43 16.92 -13.64 19.67
C GLN B 43 17.96 -13.01 18.81
N ASN B 44 18.81 -13.81 18.22
CA ASN B 44 19.87 -13.35 17.31
C ASN B 44 19.35 -12.89 15.95
N GLN B 45 18.08 -13.13 15.69
CA GLN B 45 17.44 -12.65 14.47
C GLN B 45 16.47 -11.51 14.81
N GLN B 46 16.54 -10.96 16.01
CA GLN B 46 15.60 -9.93 16.46
C GLN B 46 16.30 -8.63 16.58
N TRP B 47 15.80 -7.64 15.87
CA TRP B 47 16.50 -6.42 15.68
C TRP B 47 15.65 -5.28 16.25
N THR B 48 16.19 -4.58 17.23
CA THR B 48 15.44 -3.51 17.87
C THR B 48 15.91 -2.15 17.33
N PHE B 49 14.93 -1.41 16.79
CA PHE B 49 15.15 -0.13 16.18
C PHE B 49 14.91 0.98 17.20
N TYR B 50 15.77 2.01 17.20
CA TYR B 50 15.66 3.14 18.11
C TYR B 50 15.77 4.49 17.40
N PRO B 51 15.30 5.58 18.03
CA PRO B 51 15.39 6.91 17.39
C PRO B 51 16.78 7.35 17.15
N ASP B 52 17.74 6.83 17.91
CA ASP B 52 19.16 7.16 17.71
C ASP B 52 19.77 6.61 16.42
N ASN B 53 18.97 5.94 15.58
CA ASN B 53 19.45 5.32 14.35
C ASN B 53 20.38 4.12 14.56
N THR B 54 20.14 3.36 15.64
CA THR B 54 20.84 2.11 15.86
C THR B 54 19.86 0.99 15.56
N ILE B 55 20.40 -0.17 15.20
CA ILE B 55 19.62 -1.37 14.98
C ILE B 55 20.33 -2.47 15.76
N ARG B 56 19.63 -3.15 16.66
CA ARG B 56 20.32 -3.93 17.70
C ARG B 56 19.77 -5.32 17.84
N SER B 57 20.67 -6.30 18.02
CA SER B 57 20.31 -7.66 18.47
C SER B 57 21.32 -8.01 19.54
N LEU B 58 20.87 -8.77 20.55
CA LEU B 58 21.74 -9.23 21.66
C LEU B 58 22.35 -8.04 22.42
N GLY B 59 21.58 -6.98 22.56
CA GLY B 59 22.03 -5.72 23.19
C GLY B 59 23.15 -4.96 22.53
N LYS B 60 23.54 -5.36 21.33
CA LYS B 60 24.62 -4.69 20.61
C LYS B 60 24.19 -4.21 19.23
N CYS B 61 25.01 -3.36 18.65
CA CYS B 61 24.62 -2.55 17.49
C CYS B 61 25.14 -3.09 16.18
N LEU B 62 24.23 -3.22 15.21
CA LEU B 62 24.59 -3.47 13.80
C LEU B 62 25.48 -2.36 13.23
N ALA B 63 26.51 -2.76 12.50
CA ALA B 63 27.53 -1.84 12.02
C ALA B 63 28.44 -2.43 10.97
N THR B 64 29.00 -1.53 10.17
CA THR B 64 29.98 -1.88 9.15
C THR B 64 31.32 -1.98 9.87
N SER B 65 32.24 -2.76 9.31
CA SER B 65 33.56 -2.97 9.92
C SER B 65 34.72 -2.32 9.15
N ALA B 66 34.42 -1.37 8.26
CA ALA B 66 35.43 -0.73 7.38
C ALA B 66 34.82 0.39 6.50
N LEU B 67 35.58 1.45 6.24
CA LEU B 67 35.19 2.47 5.27
C LEU B 67 35.06 1.94 3.83
N SER B 68 35.94 1.01 3.45
CA SER B 68 36.01 0.47 2.10
C SER B 68 34.96 -0.62 1.93
N SER B 69 34.47 -0.77 0.71
CA SER B 69 33.50 -1.83 0.44
C SER B 69 34.12 -3.18 0.71
N GLY B 70 33.28 -4.19 0.94
CA GLY B 70 33.75 -5.57 0.99
C GLY B 70 33.94 -6.21 2.35
N SER B 71 33.88 -5.46 3.43
CA SER B 71 34.06 -6.06 4.78
C SER B 71 32.71 -6.42 5.41
N ASN B 72 32.75 -7.27 6.41
CA ASN B 72 31.57 -7.81 7.02
C ASN B 72 30.79 -6.74 7.79
N VAL B 73 29.49 -6.99 7.92
CA VAL B 73 28.66 -6.26 8.85
C VAL B 73 28.59 -7.12 10.13
N VAL B 74 28.54 -6.43 11.25
CA VAL B 74 28.74 -7.03 12.58
C VAL B 74 27.86 -6.36 13.61
N ILE B 75 27.84 -6.96 14.79
CA ILE B 75 27.31 -6.28 15.95
C ILE B 75 28.53 -5.92 16.75
N THR B 76 28.51 -4.73 17.29
CA THR B 76 29.55 -4.29 18.19
C THR B 76 28.91 -3.45 19.29
N ASN B 77 29.71 -3.13 20.29
CA ASN B 77 29.24 -2.38 21.45
C ASN B 77 28.71 -1.03 21.02
N CYS B 78 27.51 -0.70 21.49
CA CYS B 78 26.83 0.51 21.05
C CYS B 78 27.54 1.80 21.49
N ASP B 79 28.24 1.74 22.62
CA ASP B 79 29.03 2.87 23.13
C ASP B 79 30.15 3.31 22.17
N TYR B 80 30.59 2.40 21.29
CA TYR B 80 31.55 2.73 20.20
C TYR B 80 31.02 3.72 19.16
N LEU B 81 29.70 3.78 18.96
CA LEU B 81 29.09 4.56 17.88
C LEU B 81 28.37 5.80 18.41
N ARG B 82 28.70 6.23 19.63
CA ARG B 82 28.00 7.35 20.29
C ARG B 82 28.14 8.68 19.54
N TYR B 83 29.23 8.83 18.77
CA TYR B 83 29.44 10.00 17.88
C TYR B 83 29.09 9.72 16.38
N ASP B 84 28.47 8.57 16.10
CA ASP B 84 28.09 8.21 14.73
C ASP B 84 26.61 8.55 14.51
N ASP B 85 26.28 8.89 13.26
CA ASP B 85 24.93 9.25 12.87
C ASP B 85 24.12 8.05 12.38
N GLY B 86 24.77 6.89 12.25
CA GLY B 86 24.09 5.59 12.35
C GLY B 86 23.65 5.05 11.01
N TRP B 87 22.53 4.33 11.00
CA TRP B 87 21.94 3.76 9.77
C TRP B 87 20.77 4.60 9.22
N MET B 88 20.55 4.48 7.92
CA MET B 88 19.41 5.07 7.23
C MET B 88 18.84 4.03 6.25
N VAL B 89 17.51 3.97 6.18
CA VAL B 89 16.82 3.01 5.36
C VAL B 89 15.92 3.76 4.37
N SER B 90 16.15 3.58 3.09
CA SER B 90 15.29 4.20 2.07
C SER B 90 13.90 3.51 2.01
N SER B 91 12.92 4.16 1.39
CA SER B 91 11.58 3.59 1.09
C SER B 91 11.67 2.25 0.37
N SER B 92 12.69 2.15 -0.46
CA SER B 92 12.97 1.00 -1.27
C SER B 92 13.45 -0.22 -0.46
N GLY B 93 13.99 0.02 0.75
CA GLY B 93 14.59 -1.04 1.57
C GLY B 93 16.11 -1.18 1.46
N THR B 94 16.78 -0.12 1.04
CA THR B 94 18.22 -0.10 1.03
C THR B 94 18.64 0.38 2.44
N MET B 95 19.35 -0.47 3.18
CA MET B 95 19.89 -0.10 4.48
C MET B 95 21.31 0.44 4.30
N MET B 96 21.48 1.73 4.58
CA MET B 96 22.72 2.45 4.29
C MET B 96 23.38 3.08 5.50
N ASN B 97 24.70 2.88 5.64
CA ASN B 97 25.47 3.61 6.67
C ASN B 97 25.55 5.08 6.25
N LYS B 98 25.03 5.97 7.09
CA LYS B 98 24.83 7.39 6.75
C LYS B 98 26.12 8.07 6.38
N SER B 99 27.17 7.70 7.11
CA SER B 99 28.49 8.27 6.95
C SER B 99 29.21 7.83 5.69
N SER B 100 29.35 6.52 5.53
CA SER B 100 30.14 5.94 4.44
C SER B 100 29.37 5.61 3.18
N HIS B 101 28.04 5.63 3.25
CA HIS B 101 27.16 5.29 2.14
C HIS B 101 27.21 3.82 1.74
N LEU B 102 27.81 2.96 2.55
CA LEU B 102 27.85 1.54 2.24
C LEU B 102 26.50 0.92 2.59
N VAL B 103 26.13 -0.15 1.91
CA VAL B 103 24.80 -0.73 2.13
C VAL B 103 24.83 -2.24 2.52
N LEU B 104 23.87 -2.64 3.35
CA LEU B 104 23.76 -4.04 3.70
C LEU B 104 23.53 -4.86 2.45
N THR B 105 24.42 -5.82 2.22
CA THR B 105 24.44 -6.57 1.00
C THR B 105 24.66 -8.04 1.28
N ALA B 106 24.10 -8.90 0.45
CA ALA B 106 24.37 -10.35 0.50
C ALA B 106 24.97 -10.86 -0.81
N ASN B 107 26.29 -11.01 -0.87
CA ASN B 107 26.97 -11.45 -2.11
C ASN B 107 26.72 -12.84 -2.65
N ALA B 108 26.08 -13.69 -1.85
CA ALA B 108 25.49 -14.97 -2.31
C ALA B 108 24.11 -15.17 -1.67
N ALA B 109 23.31 -16.08 -2.24
CA ALA B 109 21.96 -16.40 -1.75
C ALA B 109 21.96 -17.40 -0.57
N THR B 110 23.08 -18.10 -0.41
CA THR B 110 23.08 -19.35 0.28
C THR B 110 23.08 -19.04 1.78
N SER B 111 22.37 -19.87 2.55
CA SER B 111 22.39 -19.74 4.01
C SER B 111 23.84 -19.76 4.55
N ARG B 112 24.01 -19.04 5.66
CA ARG B 112 25.29 -18.74 6.30
C ARG B 112 26.19 -17.76 5.53
N THR B 113 25.70 -17.14 4.46
CA THR B 113 26.49 -16.15 3.68
C THR B 113 26.80 -14.93 4.53
N ASN B 114 28.05 -14.50 4.48
CA ASN B 114 28.46 -13.28 5.15
C ASN B 114 27.83 -12.05 4.53
N LEU B 115 27.15 -11.26 5.36
CA LEU B 115 26.66 -9.95 4.93
C LEU B 115 27.80 -8.98 4.98
N THR B 116 27.93 -8.20 3.90
CA THR B 116 28.99 -7.21 3.75
C THR B 116 28.43 -5.82 3.49
N GLY B 117 29.31 -4.85 3.66
CA GLY B 117 29.03 -3.45 3.39
C GLY B 117 29.66 -3.23 2.04
N GLU B 118 28.77 -2.97 1.06
CA GLU B 118 29.17 -2.80 -0.34
C GLU B 118 28.65 -1.46 -0.87
N ASN B 119 29.17 -1.05 -2.02
CA ASN B 119 28.68 0.13 -2.71
C ASN B 119 27.26 -0.13 -3.24
N ASN B 120 26.37 0.83 -3.04
CA ASN B 120 24.98 0.67 -3.50
C ASN B 120 24.90 0.73 -5.01
N VAL B 121 24.35 -0.33 -5.60
CA VAL B 121 24.05 -0.37 -7.01
C VAL B 121 22.58 -0.74 -7.22
N PHE B 122 21.80 -0.64 -6.15
CA PHE B 122 20.38 -0.97 -6.14
C PHE B 122 20.05 -2.41 -6.60
N ALA B 123 20.95 -3.36 -6.35
CA ALA B 123 20.71 -4.74 -6.75
C ALA B 123 19.70 -5.37 -5.77
N ALA B 124 19.04 -6.46 -6.17
CA ALA B 124 18.17 -7.22 -5.25
C ALA B 124 18.92 -7.77 -4.03
N LYS B 125 20.20 -8.10 -4.19
CA LYS B 125 21.09 -8.49 -3.06
C LYS B 125 21.14 -7.42 -1.99
N GLN B 126 20.69 -6.20 -2.31
CA GLN B 126 20.80 -5.04 -1.44
C GLN B 126 19.44 -4.53 -0.96
N ALA B 127 18.37 -5.27 -1.23
CA ALA B 127 17.02 -4.90 -0.81
C ALA B 127 16.61 -5.73 0.41
N TRP B 128 15.95 -5.07 1.37
CA TRP B 128 15.58 -5.68 2.63
C TRP B 128 14.20 -5.21 3.10
N ARG B 129 13.45 -6.17 3.61
CA ARG B 129 12.18 -5.92 4.27
C ARG B 129 12.42 -6.01 5.77
N ILE B 130 12.44 -4.83 6.40
CA ILE B 130 12.39 -4.72 7.85
C ILE B 130 10.94 -5.00 8.25
N GLY B 131 10.74 -6.03 9.07
CA GLY B 131 9.39 -6.50 9.44
C GLY B 131 9.34 -7.94 9.94
N ASN B 132 8.39 -8.23 10.82
CA ASN B 132 8.23 -9.56 11.39
C ASN B 132 7.64 -10.53 10.44
N TYR B 133 6.83 -10.05 9.52
CA TYR B 133 6.28 -10.97 8.56
C TYR B 133 7.23 -11.06 7.38
N VAL B 134 8.01 -12.16 7.37
CA VAL B 134 9.10 -12.36 6.41
C VAL B 134 8.73 -13.20 5.19
N GLU B 135 7.48 -13.62 5.07
CA GLU B 135 7.10 -14.56 4.05
C GLU B 135 6.90 -13.79 2.77
N PRO B 136 6.93 -14.48 1.65
CA PRO B 136 6.52 -13.80 0.43
C PRO B 136 5.04 -13.50 0.43
N ILE B 137 4.68 -12.41 -0.21
CA ILE B 137 3.27 -12.06 -0.36
C ILE B 137 2.79 -12.52 -1.73
N VAL B 138 1.75 -13.32 -1.72
CA VAL B 138 1.20 -13.87 -2.94
C VAL B 138 0.13 -12.90 -3.43
N THR B 139 0.18 -12.60 -4.72
CA THR B 139 -0.76 -11.70 -5.31
C THR B 139 -0.83 -11.74 -6.81
N THR B 140 -1.80 -11.02 -7.33
CA THR B 140 -1.89 -10.72 -8.76
C THR B 140 -1.42 -9.30 -8.94
N ILE B 141 -0.91 -9.04 -10.12
CA ILE B 141 -0.48 -7.73 -10.50
C ILE B 141 -1.32 -7.29 -11.69
N ILE B 142 -2.04 -6.20 -11.49
CA ILE B 142 -3.05 -5.73 -12.43
C ILE B 142 -2.58 -4.41 -13.01
N GLY B 143 -2.62 -4.32 -14.33
CA GLY B 143 -2.23 -3.10 -15.05
C GLY B 143 -3.24 -2.71 -16.11
N LEU B 144 -2.71 -2.30 -17.27
CA LEU B 144 -3.48 -1.62 -18.29
C LEU B 144 -4.70 -2.43 -18.73
N ARG B 145 -5.83 -1.73 -18.88
CA ARG B 145 -7.09 -2.34 -19.29
C ARG B 145 -7.60 -3.41 -18.32
N HIS B 146 -7.27 -3.22 -17.04
CA HIS B 146 -7.72 -4.07 -15.93
C HIS B 146 -7.31 -5.51 -16.13
N MET B 147 -6.17 -5.71 -16.79
CA MET B 147 -5.68 -7.05 -17.10
C MET B 147 -4.59 -7.42 -16.09
N CYS B 148 -4.34 -8.71 -15.99
CA CYS B 148 -3.36 -9.25 -15.09
C CYS B 148 -2.07 -9.61 -15.82
N LEU B 149 -0.97 -9.50 -15.10
CA LEU B 149 0.34 -9.92 -15.56
C LEU B 149 0.40 -11.41 -15.43
N GLU B 150 0.90 -12.11 -16.44
CA GLU B 150 0.88 -13.57 -16.44
C GLU B 150 2.20 -14.10 -16.92
N ALA B 151 2.75 -15.13 -16.27
CA ALA B 151 3.99 -15.81 -16.73
C ALA B 151 3.66 -16.72 -17.90
N THR B 152 4.43 -16.58 -18.97
CA THR B 152 4.12 -17.24 -20.24
C THR B 152 5.35 -17.91 -20.83
N ASP B 153 5.11 -18.70 -21.88
CA ASP B 153 6.18 -19.37 -22.64
C ASP B 153 7.10 -20.14 -21.70
N ASN B 154 6.45 -21.05 -20.97
CA ASN B 154 7.14 -21.93 -20.05
C ASN B 154 7.95 -21.07 -19.07
N ASP B 155 7.27 -20.11 -18.43
CA ASP B 155 7.89 -19.12 -17.49
C ASP B 155 9.14 -18.38 -17.96
N THR B 156 9.15 -17.97 -19.22
CA THR B 156 10.24 -17.18 -19.77
C THR B 156 9.81 -15.76 -20.11
N ASN B 157 8.56 -15.55 -20.46
CA ASN B 157 8.04 -14.22 -20.75
C ASN B 157 6.91 -13.84 -19.83
N VAL B 158 6.52 -12.58 -19.93
CA VAL B 158 5.45 -12.03 -19.13
C VAL B 158 4.69 -10.94 -19.88
N TRP B 159 3.37 -10.98 -19.76
CA TRP B 159 2.52 -9.99 -20.39
C TRP B 159 1.12 -10.04 -19.83
N LEU B 160 0.32 -9.03 -20.18
CA LEU B 160 -1.04 -8.94 -19.68
C LEU B 160 -2.00 -9.87 -20.37
N GLU B 161 -2.77 -10.58 -19.56
CA GLU B 161 -3.93 -11.36 -20.00
C GLU B 161 -5.16 -10.95 -19.17
N SER B 162 -6.35 -11.24 -19.67
CA SER B 162 -7.55 -11.05 -18.87
C SER B 162 -7.45 -11.80 -17.53
N CYS B 163 -7.79 -11.11 -16.44
CA CYS B 163 -7.70 -11.70 -15.10
C CYS B 163 -8.65 -12.86 -14.88
N VAL B 164 -8.11 -13.99 -14.46
CA VAL B 164 -8.89 -15.18 -14.16
C VAL B 164 -8.43 -15.68 -12.79
N LYS B 165 -9.33 -15.57 -11.81
CA LYS B 165 -9.08 -15.90 -10.40
C LYS B 165 -8.41 -17.24 -10.21
N ASN B 166 -8.89 -18.22 -10.95
CA ASN B 166 -8.27 -19.54 -10.93
C ASN B 166 -6.83 -19.60 -11.48
N LYS B 167 -6.54 -18.85 -12.54
CA LYS B 167 -5.25 -18.97 -13.24
C LYS B 167 -4.01 -18.90 -12.36
N THR B 168 -3.28 -20.00 -12.42
CA THR B 168 -2.06 -20.24 -11.65
C THR B 168 -0.92 -19.33 -12.00
N LYS B 169 -0.72 -19.14 -13.29
CA LYS B 169 0.38 -18.30 -13.77
C LYS B 169 0.22 -16.80 -13.55
N GLN B 170 -0.99 -16.32 -13.22
CA GLN B 170 -1.19 -14.88 -12.84
C GLN B 170 -0.84 -14.52 -11.38
N TYR B 171 -0.24 -15.46 -10.64
CA TYR B 171 0.10 -15.22 -9.23
C TYR B 171 1.57 -14.98 -9.10
N TRP B 172 1.93 -14.09 -8.19
CA TRP B 172 3.29 -13.65 -8.05
C TRP B 172 3.62 -13.56 -6.58
N ALA B 173 4.85 -13.92 -6.23
CA ALA B 173 5.28 -13.93 -4.87
C ALA B 173 6.22 -12.75 -4.70
N LEU B 174 5.82 -11.84 -3.83
CA LEU B 174 6.58 -10.65 -3.55
C LEU B 174 7.55 -10.96 -2.41
N TYR B 175 8.82 -11.15 -2.73
CA TYR B 175 9.87 -11.44 -1.76
C TYR B 175 10.47 -10.20 -1.11
N SER B 176 11.17 -10.47 -0.01
CA SER B 176 11.75 -9.45 0.85
C SER B 176 12.96 -8.80 0.25
N ASP B 177 13.52 -9.39 -0.80
CA ASP B 177 14.60 -8.74 -1.57
C ASP B 177 14.09 -7.94 -2.78
N ASP B 178 12.80 -7.53 -2.75
CA ASP B 178 12.12 -6.71 -3.77
C ASP B 178 11.98 -7.45 -5.11
N THR B 179 12.23 -8.77 -5.10
CA THR B 179 12.04 -9.57 -6.29
C THR B 179 10.55 -9.91 -6.44
N ILE B 180 10.15 -10.15 -7.68
CA ILE B 180 8.77 -10.50 -8.02
C ILE B 180 8.85 -11.84 -8.65
N ARG B 181 8.50 -12.89 -7.90
CA ARG B 181 8.82 -14.27 -8.34
C ARG B 181 7.59 -14.99 -8.83
N VAL B 182 7.79 -15.88 -9.80
CA VAL B 182 6.73 -16.77 -10.30
C VAL B 182 6.24 -17.59 -9.11
N ASN B 183 4.94 -17.67 -8.92
CA ASN B 183 4.44 -18.15 -7.64
C ASN B 183 4.67 -19.63 -7.37
N ASN B 184 4.39 -20.44 -8.37
CA ASN B 184 4.64 -21.88 -8.29
C ASN B 184 6.00 -22.27 -8.91
N ASN B 185 6.92 -21.34 -9.09
CA ASN B 185 8.33 -21.67 -9.27
C ASN B 185 9.18 -20.51 -8.81
N ARG B 186 9.50 -20.53 -7.53
CA ARG B 186 10.09 -19.39 -6.88
C ARG B 186 11.59 -19.26 -7.04
N ASN B 187 12.16 -20.04 -7.97
CA ASN B 187 13.52 -19.77 -8.47
C ASN B 187 13.54 -18.78 -9.62
N LEU B 188 12.38 -18.52 -10.20
CA LEU B 188 12.28 -17.58 -11.32
C LEU B 188 11.77 -16.22 -10.85
N CYS B 189 12.39 -15.17 -11.36
CA CYS B 189 12.19 -13.77 -11.05
C CYS B 189 11.88 -12.95 -12.32
N VAL B 190 11.12 -11.86 -11.99
CA VAL B 190 10.82 -10.97 -13.13
C VAL B 190 12.09 -10.16 -13.42
N SER B 191 12.44 -9.98 -14.68
CA SER B 191 13.74 -9.38 -14.98
C SER B 191 13.73 -8.38 -16.15
N SER B 192 14.26 -7.18 -15.88
CA SER B 192 14.55 -6.29 -16.96
C SER B 192 15.58 -6.95 -17.85
N SER B 193 15.70 -6.43 -19.07
CA SER B 193 16.49 -7.04 -20.13
C SER B 193 17.97 -7.08 -19.80
N THR B 194 18.61 -8.21 -20.17
CA THR B 194 20.07 -8.38 -20.09
C THR B 194 20.70 -8.11 -21.44
N ASP B 195 19.95 -8.23 -22.53
CA ASP B 195 20.40 -7.85 -23.87
C ASP B 195 20.14 -6.34 -24.10
N SER B 196 21.23 -5.63 -24.36
CA SER B 196 21.23 -4.18 -24.54
C SER B 196 20.31 -3.68 -25.68
N SER B 197 20.12 -4.51 -26.70
CA SER B 197 19.28 -4.17 -27.83
C SER B 197 17.79 -4.22 -27.51
N SER B 198 17.43 -4.91 -26.42
CA SER B 198 16.03 -5.07 -25.96
C SER B 198 15.69 -4.32 -24.67
N LYS B 199 14.46 -3.82 -24.62
CA LYS B 199 13.86 -3.28 -23.40
C LYS B 199 12.83 -4.24 -22.82
N LEU B 200 12.65 -5.38 -23.47
CA LEU B 200 11.65 -6.36 -23.03
C LEU B 200 11.92 -6.91 -21.63
N ILE B 201 10.85 -6.98 -20.83
CA ILE B 201 10.92 -7.50 -19.48
C ILE B 201 10.52 -8.96 -19.59
N VAL B 202 11.30 -9.79 -18.93
CA VAL B 202 11.21 -11.21 -18.98
C VAL B 202 11.31 -11.89 -17.65
N ILE B 203 11.36 -13.19 -17.70
CA ILE B 203 11.47 -14.02 -16.53
C ILE B 203 12.72 -14.87 -16.58
N ARG B 204 13.55 -14.72 -15.58
CA ARG B 204 14.78 -15.44 -15.49
C ARG B 204 15.06 -16.05 -14.14
N ARG B 205 15.99 -16.98 -14.13
CA ARG B 205 16.52 -17.57 -12.90
C ARG B 205 17.03 -16.44 -11.95
N CYS B 206 16.38 -16.34 -10.67
CA CYS B 206 16.74 -15.30 -9.70
C CYS B 206 18.24 -15.28 -9.44
N ASP B 207 18.92 -14.16 -9.61
CA ASP B 207 20.33 -13.97 -9.38
C ASP B 207 20.77 -12.84 -8.45
N GLY B 208 19.83 -12.09 -7.89
CA GLY B 208 20.15 -11.00 -6.99
C GLY B 208 20.58 -9.72 -7.67
N SER B 209 20.42 -9.66 -8.99
CA SER B 209 20.84 -8.50 -9.78
C SER B 209 19.92 -7.26 -9.69
N ILE B 210 20.46 -6.13 -10.15
CA ILE B 210 19.74 -4.85 -10.40
C ILE B 210 18.50 -5.07 -11.28
N ASN B 211 18.63 -5.92 -12.30
CA ASN B 211 17.49 -6.28 -13.20
C ASN B 211 16.24 -6.83 -12.55
N GLN B 212 16.42 -7.31 -11.31
CA GLN B 212 15.46 -8.10 -10.62
C GLN B 212 14.93 -7.45 -9.36
N ARG B 213 15.42 -6.25 -9.02
CA ARG B 213 14.87 -5.47 -7.95
C ARG B 213 13.75 -4.58 -8.48
N TRP B 214 12.56 -4.69 -7.86
CA TRP B 214 11.36 -3.90 -8.21
C TRP B 214 10.71 -3.29 -6.96
N VAL B 215 10.34 -2.02 -7.05
CA VAL B 215 9.79 -1.25 -5.97
C VAL B 215 8.39 -0.81 -6.39
N PHE B 216 7.38 -1.19 -5.59
CA PHE B 216 5.99 -0.78 -5.83
C PHE B 216 5.81 0.54 -5.17
N THR B 217 5.80 1.60 -5.99
CA THR B 217 5.78 2.94 -5.46
C THR B 217 4.35 3.38 -5.11
N PRO B 218 4.24 4.35 -4.20
CA PRO B 218 2.92 4.79 -3.82
C PRO B 218 2.19 5.50 -4.96
N GLN B 219 2.95 6.15 -5.85
CA GLN B 219 2.35 6.70 -7.05
C GLN B 219 1.95 5.67 -8.09
N GLY B 220 1.96 4.39 -7.75
CA GLY B 220 1.34 3.40 -8.63
C GLY B 220 2.21 2.82 -9.71
N THR B 221 3.52 3.05 -9.64
CA THR B 221 4.46 2.41 -10.58
C THR B 221 5.19 1.21 -9.98
N ILE B 222 5.69 0.36 -10.87
CA ILE B 222 6.67 -0.67 -10.49
C ILE B 222 8.08 -0.25 -10.98
N SER B 223 8.86 0.29 -10.07
CA SER B 223 10.13 0.95 -10.40
C SER B 223 11.34 0.05 -10.28
N ASN B 224 12.25 0.15 -11.25
CA ASN B 224 13.56 -0.45 -11.12
C ASN B 224 14.48 0.68 -10.72
N PRO B 225 14.79 0.82 -9.43
CA PRO B 225 15.55 2.01 -9.00
C PRO B 225 16.94 2.18 -9.60
N GLY B 226 17.60 1.06 -9.89
CA GLY B 226 18.97 1.10 -10.38
C GLY B 226 19.09 1.60 -11.80
N TYR B 227 18.09 1.29 -12.60
CA TYR B 227 18.02 1.71 -13.97
C TYR B 227 17.16 2.97 -14.15
N GLU B 228 16.65 3.51 -13.06
CA GLU B 228 15.85 4.72 -13.09
C GLU B 228 14.74 4.59 -14.11
N ALA B 229 14.06 3.46 -14.10
CA ALA B 229 13.02 3.17 -15.03
C ALA B 229 11.86 2.44 -14.37
N VAL B 230 10.80 2.27 -15.13
CA VAL B 230 9.60 1.59 -14.63
C VAL B 230 8.98 0.68 -15.66
N MET B 231 8.23 -0.28 -15.18
CA MET B 231 7.57 -1.26 -15.98
C MET B 231 6.43 -0.58 -16.78
N ASP B 232 6.25 -0.96 -18.05
CA ASP B 232 5.36 -0.23 -18.98
C ASP B 232 4.81 -1.20 -20.00
N VAL B 233 3.63 -0.93 -20.50
CA VAL B 233 3.04 -1.78 -21.54
C VAL B 233 3.46 -1.20 -22.87
N ALA B 234 4.15 -2.00 -23.69
CA ALA B 234 4.70 -1.48 -24.96
C ALA B 234 3.61 -0.82 -25.76
N GLN B 235 3.85 0.43 -26.17
CA GLN B 235 2.93 1.24 -26.99
C GLN B 235 1.54 1.41 -26.41
N ASN B 236 1.41 1.27 -25.10
CA ASN B 236 0.13 1.24 -24.42
C ASN B 236 -0.89 0.27 -25.06
N ASP B 237 -0.38 -0.82 -25.60
CA ASP B 237 -1.17 -1.77 -26.33
C ASP B 237 -0.96 -3.13 -25.68
N VAL B 238 -1.96 -3.56 -24.94
CA VAL B 238 -1.84 -4.82 -24.22
C VAL B 238 -1.73 -5.98 -25.16
N TYR B 239 -2.25 -5.84 -26.38
CA TYR B 239 -2.24 -6.91 -27.35
C TYR B 239 -0.91 -7.14 -28.00
N LEU B 240 0.05 -6.25 -27.82
CA LEU B 240 1.43 -6.50 -28.23
C LEU B 240 2.16 -7.54 -27.39
N LYS B 241 1.61 -7.92 -26.24
CA LYS B 241 2.21 -8.96 -25.38
C LYS B 241 3.66 -8.69 -25.05
N LYS B 242 3.93 -7.44 -24.74
CA LYS B 242 5.26 -7.04 -24.45
C LYS B 242 5.19 -6.03 -23.33
N ILE B 243 5.93 -6.31 -22.26
CA ILE B 243 6.12 -5.39 -21.14
C ILE B 243 7.54 -4.91 -21.18
N VAL B 244 7.75 -3.61 -21.15
CA VAL B 244 9.07 -3.02 -21.31
C VAL B 244 9.42 -2.06 -20.18
N LEU B 245 10.71 -1.74 -20.09
CA LEU B 245 11.20 -0.83 -19.04
C LEU B 245 11.36 0.54 -19.66
N SER B 246 10.75 1.54 -19.08
CA SER B 246 10.73 2.88 -19.68
C SER B 246 11.00 3.94 -18.67
N SER B 247 11.39 5.12 -19.15
CA SER B 247 11.41 6.30 -18.30
C SER B 247 10.00 6.68 -17.91
N ALA B 248 9.83 6.96 -16.62
CA ALA B 248 8.57 7.44 -16.06
C ALA B 248 8.04 8.63 -16.86
N THR B 249 6.81 8.49 -17.31
CA THR B 249 6.12 9.50 -18.10
C THR B 249 4.64 9.44 -17.81
N ASP B 250 3.93 10.53 -18.01
CA ASP B 250 2.50 10.52 -17.75
C ASP B 250 1.69 10.48 -19.03
N LYS B 251 2.31 10.06 -20.13
CA LYS B 251 1.62 10.00 -21.42
C LYS B 251 0.44 9.02 -21.52
N GLY B 252 0.60 7.78 -21.10
CA GLY B 252 -0.55 6.85 -21.11
C GLY B 252 -0.85 6.37 -19.69
N ASN B 253 -1.48 5.20 -19.62
CA ASN B 253 -1.73 4.52 -18.34
C ASN B 253 -0.90 3.24 -18.18
N GLY B 254 -0.03 2.96 -19.14
CA GLY B 254 0.72 1.73 -19.19
C GLY B 254 1.74 1.56 -18.10
N GLN B 255 2.10 2.65 -17.44
CA GLN B 255 2.98 2.57 -16.29
C GLN B 255 2.28 2.46 -14.93
N GLN B 256 0.96 2.26 -14.95
CA GLN B 256 0.20 2.18 -13.68
C GLN B 256 -0.23 0.79 -13.37
N TRP B 257 0.00 0.38 -12.13
CA TRP B 257 -0.19 -1.00 -11.67
C TRP B 257 -0.79 -1.00 -10.28
N THR B 258 -1.48 -2.09 -9.98
CA THR B 258 -2.09 -2.30 -8.68
C THR B 258 -1.80 -3.73 -8.19
N VAL B 259 -1.57 -3.84 -6.90
CA VAL B 259 -1.35 -5.11 -6.26
C VAL B 259 -2.66 -5.65 -5.71
N PHE B 260 -3.08 -6.84 -6.14
CA PHE B 260 -4.31 -7.45 -5.60
C PHE B 260 -4.03 -8.80 -4.96
N TYR B 261 -4.16 -8.85 -3.63
CA TYR B 261 -3.63 -9.93 -2.75
C TYR B 261 -4.69 -10.67 -1.94
#